data_6F7O
#
_entry.id   6F7O
#
_entity_poly.entity_id   1
_entity_poly.type   'polypeptide(L)'
_entity_poly.pdbx_seq_one_letter_code
;(ACE)DPQH(MK8)RKL(MK8)QAAR(NH2)
;
_entity_poly.pdbx_strand_id   A
#
# COMPACT_ATOMS: atom_id res chain seq x y z
N ASP A 2 8.37 1.88 -6.88
CA ASP A 2 7.75 0.75 -6.20
C ASP A 2 6.32 1.06 -5.81
N PRO A 3 5.44 1.15 -6.82
CA PRO A 3 4.01 1.45 -6.61
C PRO A 3 3.27 0.30 -5.92
N GLN A 4 3.81 -0.89 -6.07
CA GLN A 4 3.20 -2.08 -5.46
C GLN A 4 3.05 -1.91 -3.95
N HIS A 5 4.03 -1.25 -3.33
CA HIS A 5 4.01 -1.02 -1.90
C HIS A 5 3.11 0.16 -1.56
N ARG A 7 0.28 0.85 -2.91
CA ARG A 7 -1.00 0.15 -2.86
C ARG A 7 -1.12 -0.68 -1.58
N LYS A 8 -0.07 -1.43 -1.26
CA LYS A 8 -0.05 -2.27 -0.07
C LYS A 8 -0.32 -1.43 1.18
N LEU A 9 0.37 -0.31 1.28
CA LEU A 9 0.21 0.59 2.43
C LEU A 9 -1.16 1.27 2.40
N GLN A 11 -3.82 -0.03 1.19
CA GLN A 11 -4.63 -1.16 1.61
C GLN A 11 -4.52 -1.38 3.11
N ALA A 12 -3.44 -0.88 3.70
CA ALA A 12 -3.22 -1.02 5.14
C ALA A 12 -4.10 -0.05 5.92
N ALA A 13 -4.33 1.13 5.35
CA ALA A 13 -5.16 2.14 6.00
C ALA A 13 -6.63 1.76 5.94
N ARG A 14 -7.36 2.08 7.00
CA ARG A 14 -8.79 1.77 7.06
C ARG A 14 -9.62 3.03 6.90
N ASP A 2 9.09 1.11 -7.42
CA ASP A 2 8.44 -0.08 -6.89
C ASP A 2 6.94 0.15 -6.73
N PRO A 3 6.23 0.23 -7.87
CA PRO A 3 4.78 0.45 -7.87
C PRO A 3 4.01 -0.76 -7.38
N GLN A 4 3.87 -0.87 -6.06
CA GLN A 4 3.16 -1.99 -5.45
C GLN A 4 2.99 -1.77 -3.95
N HIS A 5 4.05 -1.28 -3.31
CA HIS A 5 4.02 -1.04 -1.87
C HIS A 5 3.13 0.15 -1.54
N ARG A 7 0.30 0.82 -2.91
CA ARG A 7 -0.98 0.12 -2.86
C ARG A 7 -1.11 -0.70 -1.57
N LYS A 8 -0.06 -1.46 -1.27
CA LYS A 8 -0.05 -2.29 -0.06
C LYS A 8 -0.32 -1.44 1.18
N LEU A 9 0.38 -0.31 1.29
CA LEU A 9 0.21 0.59 2.42
C LEU A 9 -1.16 1.27 2.39
N GLN A 11 -3.83 -0.04 1.18
CA GLN A 11 -4.63 -1.18 1.61
C GLN A 11 -4.53 -1.38 3.12
N ALA A 12 -3.46 -0.86 3.71
CA ALA A 12 -3.24 -0.98 5.14
C ALA A 12 -3.14 0.39 5.80
N ALA A 13 -3.99 1.31 5.35
CA ALA A 13 -3.99 2.67 5.91
C ALA A 13 -4.37 2.66 7.38
N ARG A 14 -3.58 3.35 8.19
CA ARG A 14 -3.82 3.42 9.63
C ARG A 14 -3.40 4.77 10.18
N ASP A 2 8.90 1.43 -7.75
CA ASP A 2 8.34 0.18 -7.25
C ASP A 2 6.85 0.33 -6.96
N PRO A 3 6.04 0.41 -8.04
CA PRO A 3 4.58 0.56 -7.93
C PRO A 3 3.92 -0.70 -7.40
N GLN A 4 3.77 -0.77 -6.09
CA GLN A 4 3.13 -1.93 -5.45
C GLN A 4 2.97 -1.71 -3.95
N HIS A 5 4.05 -1.31 -3.30
CA HIS A 5 4.03 -1.06 -1.86
C HIS A 5 3.13 0.14 -1.53
N ARG A 7 0.30 0.80 -2.90
CA ARG A 7 -0.97 0.10 -2.85
C ARG A 7 -1.09 -0.71 -1.57
N LYS A 8 -0.05 -1.47 -1.25
CA LYS A 8 -0.04 -2.29 -0.05
C LYS A 8 -0.31 -1.45 1.19
N LEU A 9 0.38 -0.31 1.29
CA LEU A 9 0.21 0.59 2.42
C LEU A 9 -1.15 1.26 2.38
N GLN A 11 -3.82 -0.04 1.18
CA GLN A 11 -4.63 -1.18 1.61
C GLN A 11 -4.53 -1.37 3.12
N ALA A 12 -3.46 -0.85 3.71
CA ALA A 12 -3.24 -0.96 5.15
C ALA A 12 -3.69 0.30 5.87
N ALA A 13 -4.78 0.89 5.40
CA ALA A 13 -5.31 2.10 6.00
C ALA A 13 -6.79 1.94 6.37
N ARG A 14 -7.27 2.79 7.27
CA ARG A 14 -8.66 2.74 7.71
C ARG A 14 -9.60 3.09 6.56
N ASP A 2 8.29 2.38 -6.32
CA ASP A 2 7.67 1.27 -5.59
C ASP A 2 6.16 1.47 -5.47
N PRO A 3 5.45 1.35 -6.60
CA PRO A 3 4.00 1.51 -6.64
C PRO A 3 3.26 0.38 -5.93
N GLN A 4 3.77 -0.84 -6.09
CA GLN A 4 3.16 -2.00 -5.46
C GLN A 4 3.00 -1.80 -3.96
N HIS A 5 4.06 -1.29 -3.32
CA HIS A 5 4.03 -1.04 -1.89
C HIS A 5 3.12 0.15 -1.56
N ARG A 7 0.29 0.81 -2.92
CA ARG A 7 -0.98 0.11 -2.87
C ARG A 7 -1.10 -0.70 -1.58
N LYS A 8 -0.05 -1.47 -1.27
CA LYS A 8 -0.04 -2.29 -0.07
C LYS A 8 -0.32 -1.44 1.17
N LEU A 9 0.37 -0.31 1.27
CA LEU A 9 0.22 0.59 2.41
C LEU A 9 -1.16 1.27 2.37
N GLN A 11 -3.82 -0.03 1.17
CA GLN A 11 -4.62 -1.17 1.60
C GLN A 11 -4.52 -1.36 3.11
N ALA A 12 -3.45 -0.86 3.70
CA ALA A 12 -3.23 -0.97 5.13
C ALA A 12 -3.71 0.29 5.87
N ALA A 13 -4.88 0.78 5.48
CA ALA A 13 -5.45 1.98 6.10
C ALA A 13 -5.51 1.83 7.62
N ARG A 14 -4.69 2.61 8.31
CA ARG A 14 -4.66 2.57 9.77
C ARG A 14 -5.51 3.68 10.37
N ASP A 2 8.49 1.72 -7.88
CA ASP A 2 7.99 0.43 -7.40
C ASP A 2 6.51 0.51 -7.04
N PRO A 3 5.66 0.60 -8.07
CA PRO A 3 4.21 0.69 -7.88
C PRO A 3 3.61 -0.62 -7.38
N GLN A 4 3.73 -0.85 -6.07
CA GLN A 4 3.20 -2.07 -5.46
C GLN A 4 3.05 -1.89 -3.95
N HIS A 5 4.03 -1.25 -3.33
CA HIS A 5 4.01 -1.02 -1.89
C HIS A 5 3.10 0.16 -1.55
N ARG A 7 0.28 0.85 -2.91
CA ARG A 7 -0.99 0.14 -2.86
C ARG A 7 -1.11 -0.69 -1.58
N LYS A 8 -0.06 -1.43 -1.27
CA LYS A 8 -0.05 -2.27 -0.07
C LYS A 8 -0.32 -1.43 1.18
N LEU A 9 0.38 -0.30 1.30
CA LEU A 9 0.21 0.58 2.43
C LEU A 9 -1.15 1.26 2.40
N GLN A 11 -3.81 -0.02 1.18
CA GLN A 11 -4.62 -1.17 1.60
C GLN A 11 -4.53 -1.39 3.10
N ALA A 12 -3.45 -0.88 3.70
CA ALA A 12 -3.24 -1.01 5.14
C ALA A 12 -4.02 0.07 5.91
N ALA A 13 -3.80 1.32 5.53
CA ALA A 13 -4.48 2.44 6.18
C ALA A 13 -4.20 2.45 7.68
N ARG A 14 -4.91 3.30 8.40
CA ARG A 14 -4.74 3.42 9.84
C ARG A 14 -5.49 2.30 10.56
N ASP A 2 7.78 2.82 -6.28
CA ASP A 2 7.17 1.72 -5.55
C ASP A 2 5.64 1.77 -5.65
N PRO A 3 5.11 1.49 -6.84
CA PRO A 3 3.67 1.51 -7.10
C PRO A 3 2.96 0.35 -6.40
N GLN A 4 3.69 -0.71 -6.11
CA GLN A 4 3.12 -1.88 -5.45
C GLN A 4 2.95 -1.64 -3.96
N HIS A 5 4.06 -1.34 -3.28
CA HIS A 5 4.02 -1.08 -1.85
C HIS A 5 3.12 0.10 -1.53
N ARG A 7 0.30 0.76 -2.92
CA ARG A 7 -0.97 0.06 -2.87
C ARG A 7 -1.11 -0.74 -1.57
N LYS A 8 -0.06 -1.48 -1.24
CA LYS A 8 -0.05 -2.29 -0.02
C LYS A 8 -0.32 -1.43 1.21
N LEU A 9 0.37 -0.31 1.31
CA LEU A 9 0.20 0.60 2.43
C LEU A 9 -1.16 1.29 2.38
N GLN A 11 -3.82 -0.03 1.16
CA GLN A 11 -4.63 -1.15 1.60
C GLN A 11 -4.52 -1.36 3.11
N ALA A 12 -3.43 -0.86 3.69
CA ALA A 12 -3.20 -0.98 5.11
C ALA A 12 -3.96 0.09 5.89
N ALA A 13 -3.63 1.34 5.62
CA ALA A 13 -4.28 2.47 6.28
C ALA A 13 -5.66 2.73 5.69
N ARG A 14 -6.40 3.64 6.32
CA ARG A 14 -7.74 3.98 5.86
C ARG A 14 -7.68 4.80 4.56
N ASP A 2 8.66 1.25 -5.58
CA ASP A 2 8.07 0.71 -6.80
C ASP A 2 6.54 0.72 -6.71
N PRO A 3 5.88 0.65 -7.88
CA PRO A 3 4.41 0.65 -7.96
C PRO A 3 3.81 -0.65 -7.43
N GLN A 4 3.71 -0.73 -6.10
CA GLN A 4 3.14 -1.92 -5.46
C GLN A 4 2.97 -1.70 -3.96
N HIS A 5 4.05 -1.31 -3.30
CA HIS A 5 4.03 -1.06 -1.86
C HIS A 5 3.12 0.13 -1.54
N ARG A 7 0.30 0.80 -2.90
CA ARG A 7 -0.98 0.09 -2.85
C ARG A 7 -1.10 -0.72 -1.57
N LYS A 8 -0.05 -1.47 -1.25
CA LYS A 8 -0.05 -2.29 -0.04
C LYS A 8 -0.31 -1.44 1.20
N LEU A 9 0.37 -0.31 1.30
CA LEU A 9 0.21 0.59 2.43
C LEU A 9 -1.16 1.27 2.39
N GLN A 11 -3.82 -0.03 1.18
CA GLN A 11 -4.62 -1.17 1.60
C GLN A 11 -4.53 -1.37 3.11
N ALA A 12 -3.46 -0.86 3.71
CA ALA A 12 -3.24 -0.98 5.14
C ALA A 12 -3.14 0.40 5.80
N ALA A 13 -4.25 1.12 5.82
CA ALA A 13 -4.29 2.45 6.42
C ALA A 13 -5.59 2.68 7.18
N ARG A 14 -5.48 3.33 8.34
CA ARG A 14 -6.65 3.61 9.17
C ARG A 14 -7.01 5.09 9.12
N ASP A 2 9.13 0.02 -5.39
CA ASP A 2 8.09 -0.10 -6.42
C ASP A 2 6.77 0.47 -5.93
N PRO A 3 5.88 0.79 -6.87
CA PRO A 3 4.56 1.35 -6.56
C PRO A 3 3.64 0.34 -5.90
N GLN A 4 3.97 -0.95 -6.05
CA GLN A 4 3.17 -2.01 -5.47
C GLN A 4 3.01 -1.81 -3.96
N HIS A 5 4.05 -1.28 -3.33
CA HIS A 5 4.03 -1.04 -1.89
C HIS A 5 3.12 0.15 -1.56
N ARG A 7 0.29 0.81 -2.92
CA ARG A 7 -0.98 0.11 -2.87
C ARG A 7 -1.10 -0.70 -1.58
N LYS A 8 -0.05 -1.46 -1.26
CA LYS A 8 -0.04 -2.28 -0.06
C LYS A 8 -0.31 -1.44 1.18
N LEU A 9 0.38 -0.30 1.28
CA LEU A 9 0.21 0.59 2.42
C LEU A 9 -1.15 1.28 2.38
N GLN A 11 -3.82 -0.03 1.17
CA GLN A 11 -4.62 -1.17 1.59
C GLN A 11 -4.53 -1.37 3.10
N ALA A 12 -3.45 -0.86 3.70
CA ALA A 12 -3.24 -0.98 5.13
C ALA A 12 -4.30 -0.20 5.91
N ALA A 13 -4.59 1.02 5.44
CA ALA A 13 -5.59 1.85 6.10
C ALA A 13 -6.99 1.27 5.95
N ARG A 14 -7.48 0.65 7.01
CA ARG A 14 -8.80 0.03 6.99
C ARG A 14 -9.42 0.01 8.39
N ASP A 2 9.18 -0.34 -4.75
CA ASP A 2 8.29 -0.50 -5.89
C ASP A 2 6.97 0.23 -5.66
N PRO A 3 6.24 0.50 -6.75
CA PRO A 3 4.95 1.20 -6.68
C PRO A 3 3.86 0.34 -6.06
N GLN A 4 4.08 -0.98 -6.03
CA GLN A 4 3.12 -1.90 -5.46
C GLN A 4 2.95 -1.66 -3.96
N HIS A 5 4.06 -1.33 -3.29
CA HIS A 5 4.03 -1.06 -1.86
C HIS A 5 3.13 0.12 -1.54
N ARG A 7 0.31 0.78 -2.92
CA ARG A 7 -0.97 0.09 -2.86
C ARG A 7 -1.09 -0.72 -1.57
N LYS A 8 -0.05 -1.49 -1.26
CA LYS A 8 -0.04 -2.31 -0.05
C LYS A 8 -0.31 -1.45 1.19
N LEU A 9 0.38 -0.32 1.29
CA LEU A 9 0.21 0.58 2.41
C LEU A 9 -1.15 1.26 2.37
N GLN A 11 -3.82 -0.05 1.17
CA GLN A 11 -4.63 -1.18 1.61
C GLN A 11 -4.53 -1.36 3.12
N ALA A 12 -3.45 -0.84 3.71
CA ALA A 12 -3.24 -0.95 5.15
C ALA A 12 -4.07 0.08 5.90
N ALA A 13 -4.36 1.20 5.24
CA ALA A 13 -5.14 2.26 5.85
C ALA A 13 -6.52 1.76 6.26
N ARG A 14 -6.69 1.48 7.55
CA ARG A 14 -7.96 0.99 8.06
C ARG A 14 -9.08 2.00 7.81
N ASP A 2 8.85 0.89 -3.60
CA ASP A 2 8.26 0.33 -4.81
C ASP A 2 6.83 0.84 -4.99
N PRO A 3 6.32 0.73 -6.23
CA PRO A 3 4.96 1.17 -6.56
C PRO A 3 3.89 0.27 -5.94
N GLN A 4 4.11 -1.03 -6.02
CA GLN A 4 3.16 -1.99 -5.46
C GLN A 4 3.00 -1.80 -3.96
N HIS A 5 4.05 -1.28 -3.31
CA HIS A 5 4.01 -1.04 -1.88
C HIS A 5 3.12 0.15 -1.55
N ARG A 7 0.29 0.82 -2.91
CA ARG A 7 -0.98 0.11 -2.87
C ARG A 7 -1.10 -0.71 -1.58
N LYS A 8 -0.05 -1.46 -1.25
CA LYS A 8 -0.04 -2.28 -0.06
C LYS A 8 -0.31 -1.44 1.18
N LEU A 9 0.39 -0.31 1.29
CA LEU A 9 0.22 0.59 2.44
C LEU A 9 -1.15 1.27 2.39
N GLN A 11 -3.81 -0.03 1.17
CA GLN A 11 -4.61 -1.17 1.59
C GLN A 11 -4.52 -1.38 3.10
N ALA A 12 -3.45 -0.86 3.70
CA ALA A 12 -3.25 -0.99 5.13
C ALA A 12 -3.97 0.12 5.89
N ALA A 13 -3.88 1.35 5.36
CA ALA A 13 -4.53 2.49 5.99
C ALA A 13 -5.88 2.78 5.34
N ARG A 14 -6.93 2.13 5.82
CA ARG A 14 -8.27 2.32 5.28
C ARG A 14 -9.25 2.69 6.39
N ASP A 2 9.23 2.10 -4.16
CA ASP A 2 9.00 1.10 -5.19
C ASP A 2 7.51 0.81 -5.34
N PRO A 3 7.14 0.23 -6.49
CA PRO A 3 5.75 -0.11 -6.79
C PRO A 3 5.24 -1.26 -5.93
N GLN A 4 3.94 -1.55 -6.04
CA GLN A 4 3.32 -2.63 -5.27
C GLN A 4 3.51 -2.40 -3.77
N HIS A 5 3.75 -1.15 -3.39
CA HIS A 5 3.94 -0.80 -1.99
C HIS A 5 3.04 0.36 -1.59
N ARG A 7 0.21 1.08 -2.90
CA ARG A 7 -1.06 0.37 -2.87
C ARG A 7 -1.16 -0.52 -1.63
N LYS A 8 -0.11 -1.29 -1.36
CA LYS A 8 -0.09 -2.18 -0.21
C LYS A 8 -0.34 -1.41 1.07
N LEU A 9 0.38 -0.29 1.24
CA LEU A 9 0.23 0.54 2.43
C LEU A 9 -1.13 1.23 2.45
N GLN A 11 -3.81 0.01 1.19
CA GLN A 11 -4.62 -1.14 1.57
C GLN A 11 -4.49 -1.44 3.05
N ALA A 12 -3.39 -0.98 3.65
CA ALA A 12 -3.15 -1.20 5.07
C ALA A 12 -3.95 -0.23 5.93
N ALA A 13 -4.15 0.98 5.39
CA ALA A 13 -4.90 2.01 6.12
C ALA A 13 -4.27 2.30 7.47
N ARG A 14 -3.38 3.29 7.50
CA ARG A 14 -2.71 3.67 8.73
C ARG A 14 -1.93 2.50 9.32
N ASP A 2 9.20 0.80 -6.01
CA ASP A 2 8.25 -0.10 -5.38
C ASP A 2 6.84 0.49 -5.38
N PRO A 3 6.22 0.53 -6.57
CA PRO A 3 4.86 1.08 -6.73
C PRO A 3 3.80 0.20 -6.08
N GLN A 4 4.03 -1.11 -6.10
CA GLN A 4 3.09 -2.06 -5.52
C GLN A 4 2.97 -1.86 -4.02
N HIS A 5 4.04 -1.35 -3.41
CA HIS A 5 4.07 -1.11 -1.97
C HIS A 5 3.22 0.11 -1.61
N ARG A 7 0.39 0.88 -2.89
CA ARG A 7 -0.91 0.23 -2.80
C ARG A 7 -1.02 -0.59 -1.51
N LYS A 8 0.02 -1.37 -1.23
CA LYS A 8 0.04 -2.21 -0.03
C LYS A 8 -0.27 -1.38 1.21
N LEU A 9 0.35 -0.21 1.32
CA LEU A 9 0.13 0.68 2.46
C LEU A 9 -1.26 1.30 2.40
N GLN A 11 -3.87 -0.11 1.17
CA GLN A 11 -4.65 -1.26 1.62
C GLN A 11 -4.55 -1.45 3.13
N ALA A 12 -3.48 -0.90 3.71
CA ALA A 12 -3.27 -1.00 5.15
C ALA A 12 -4.18 -0.04 5.91
N ALA A 13 -4.42 1.13 5.34
CA ALA A 13 -5.28 2.12 5.96
C ALA A 13 -6.26 2.73 4.95
N ARG A 14 -7.55 2.51 5.17
CA ARG A 14 -8.57 3.04 4.27
C ARG A 14 -8.35 2.55 2.85
N ASP A 2 8.85 0.47 -5.27
CA ASP A 2 7.90 0.18 -6.34
C ASP A 2 6.52 0.69 -5.98
N PRO A 3 5.68 0.86 -7.00
CA PRO A 3 4.29 1.35 -6.83
C PRO A 3 3.41 0.33 -6.13
N GLN A 4 3.82 -0.92 -6.16
CA GLN A 4 3.06 -2.00 -5.53
C GLN A 4 2.94 -1.77 -4.02
N HIS A 5 4.05 -1.39 -3.40
CA HIS A 5 4.07 -1.13 -1.96
C HIS A 5 3.23 0.09 -1.61
N ARG A 7 0.40 0.84 -2.90
CA ARG A 7 -0.91 0.18 -2.80
C ARG A 7 -1.01 -0.62 -1.52
N LYS A 8 0.03 -1.40 -1.22
CA LYS A 8 0.05 -2.22 -0.01
C LYS A 8 -0.27 -1.38 1.23
N LEU A 9 0.35 -0.21 1.31
CA LEU A 9 0.13 0.68 2.44
C LEU A 9 -1.26 1.31 2.38
N GLN A 11 -3.87 -0.11 1.16
CA GLN A 11 -4.65 -1.27 1.62
C GLN A 11 -4.55 -1.43 3.12
N ALA A 12 -3.48 -0.88 3.71
CA ALA A 12 -3.27 -0.97 5.14
C ALA A 12 -2.88 0.38 5.73
N ALA A 13 -3.87 1.26 5.89
CA ALA A 13 -3.63 2.58 6.44
C ALA A 13 -3.10 2.51 7.87
N ARG A 14 -2.52 3.60 8.34
CA ARG A 14 -1.96 3.66 9.69
C ARG A 14 -0.85 2.63 9.85
N ASP A 2 8.99 0.50 -4.92
CA ASP A 2 8.08 0.17 -6.01
C ASP A 2 6.68 0.70 -5.73
N PRO A 3 5.87 0.83 -6.79
CA PRO A 3 4.50 1.32 -6.67
C PRO A 3 3.58 0.32 -5.98
N GLN A 4 3.87 -0.96 -6.15
CA GLN A 4 3.08 -2.02 -5.54
C GLN A 4 2.95 -1.80 -4.03
N HIS A 5 4.04 -1.38 -3.40
CA HIS A 5 4.06 -1.13 -1.97
C HIS A 5 3.21 0.09 -1.62
N ARG A 7 0.39 0.85 -2.90
CA ARG A 7 -0.90 0.20 -2.81
C ARG A 7 -1.02 -0.61 -1.51
N LYS A 8 0.03 -1.39 -1.22
CA LYS A 8 0.05 -2.21 0.00
C LYS A 8 -0.28 -1.37 1.22
N LEU A 9 0.35 -0.20 1.32
CA LEU A 9 0.13 0.70 2.45
C LEU A 9 -1.27 1.31 2.39
N GLN A 11 -3.87 -0.11 1.17
CA GLN A 11 -4.64 -1.27 1.61
C GLN A 11 -4.54 -1.44 3.13
N ALA A 12 -3.47 -0.89 3.71
CA ALA A 12 -3.26 -0.99 5.15
C ALA A 12 -3.40 0.38 5.82
N ALA A 13 -4.32 1.19 5.29
CA ALA A 13 -4.55 2.52 5.85
C ALA A 13 -4.96 2.45 7.31
N ARG A 14 -5.72 1.41 7.66
CA ARG A 14 -6.17 1.23 9.03
C ARG A 14 -5.96 -0.21 9.49
N ASP A 2 8.39 2.42 -6.81
CA ASP A 2 7.78 1.24 -6.21
C ASP A 2 6.31 1.49 -5.87
N PRO A 3 5.48 1.62 -6.91
CA PRO A 3 4.05 1.87 -6.74
C PRO A 3 3.30 0.67 -6.18
N GLN A 4 3.99 -0.48 -6.14
CA GLN A 4 3.40 -1.70 -5.62
C GLN A 4 3.06 -1.56 -4.14
N HIS A 5 4.08 -1.36 -3.32
CA HIS A 5 3.89 -1.21 -1.88
C HIS A 5 2.98 -0.03 -1.58
N ARG A 7 0.26 0.67 -2.91
CA ARG A 7 -1.00 -0.03 -2.85
C ARG A 7 -1.14 -0.80 -1.53
N LYS A 8 -0.09 -1.54 -1.19
CA LYS A 8 -0.09 -2.33 0.04
C LYS A 8 -0.35 -1.44 1.25
N LEU A 9 0.36 -0.32 1.33
CA LEU A 9 0.21 0.62 2.43
C LEU A 9 -1.15 1.31 2.38
N GLN A 11 -3.82 0.00 1.19
CA GLN A 11 -4.64 -1.13 1.65
C GLN A 11 -4.53 -1.31 3.16
N ALA A 12 -3.44 -0.80 3.73
CA ALA A 12 -3.22 -0.90 5.17
C ALA A 12 -3.24 0.47 5.83
N ALA A 13 -4.29 1.24 5.55
CA ALA A 13 -4.43 2.58 6.12
C ALA A 13 -5.29 2.55 7.38
N ARG A 14 -6.55 2.14 7.21
CA ARG A 14 -7.48 2.08 8.34
C ARG A 14 -7.55 3.41 9.06
N ASP A 2 8.37 2.45 -6.80
CA ASP A 2 7.77 1.27 -6.20
C ASP A 2 6.30 1.52 -5.87
N PRO A 3 5.47 1.63 -6.91
CA PRO A 3 4.04 1.87 -6.75
C PRO A 3 3.31 0.66 -6.19
N GLN A 4 3.99 -0.47 -6.15
CA GLN A 4 3.41 -1.70 -5.63
C GLN A 4 3.06 -1.57 -4.15
N HIS A 5 4.09 -1.37 -3.33
CA HIS A 5 3.89 -1.22 -1.89
C HIS A 5 2.98 -0.03 -1.58
N ARG A 7 0.27 0.67 -2.92
CA ARG A 7 -1.01 -0.04 -2.85
C ARG A 7 -1.13 -0.80 -1.54
N LYS A 8 -0.09 -1.54 -1.19
CA LYS A 8 -0.08 -2.33 0.04
C LYS A 8 -0.34 -1.44 1.26
N LEU A 9 0.36 -0.32 1.33
CA LEU A 9 0.21 0.62 2.44
C LEU A 9 -1.15 1.31 2.38
N GLN A 11 -3.82 -0.01 1.19
CA GLN A 11 -4.63 -1.13 1.64
C GLN A 11 -4.53 -1.31 3.15
N ALA A 12 -3.44 -0.80 3.73
CA ALA A 12 -3.22 -0.90 5.17
C ALA A 12 -4.18 0.02 5.93
N ALA A 13 -4.17 1.30 5.58
CA ALA A 13 -5.04 2.27 6.23
C ALA A 13 -6.50 2.06 5.84
N ARG A 14 -7.26 1.43 6.73
CA ARG A 14 -8.67 1.16 6.47
C ARG A 14 -9.54 2.34 6.89
N ASP A 2 9.53 -1.05 -5.39
CA ASP A 2 8.53 -0.77 -6.41
C ASP A 2 7.32 -0.06 -5.80
N PRO A 3 6.54 0.62 -6.65
CA PRO A 3 5.34 1.35 -6.23
C PRO A 3 4.22 0.41 -5.77
N GLN A 4 4.42 -0.88 -5.99
CA GLN A 4 3.42 -1.88 -5.61
C GLN A 4 3.11 -1.79 -4.12
N HIS A 5 4.06 -1.28 -3.35
CA HIS A 5 3.89 -1.14 -1.91
C HIS A 5 2.98 0.05 -1.58
N ARG A 7 0.26 0.76 -2.90
CA ARG A 7 -1.02 0.06 -2.85
C ARG A 7 -1.15 -0.74 -1.55
N LYS A 8 -0.10 -1.49 -1.22
CA LYS A 8 -0.09 -2.30 -0.01
C LYS A 8 -0.34 -1.44 1.23
N LEU A 9 0.37 -0.32 1.32
CA LEU A 9 0.21 0.60 2.44
C LEU A 9 -1.14 1.28 2.40
N GLN A 11 -3.82 0.00 1.20
CA GLN A 11 -4.63 -1.14 1.65
C GLN A 11 -4.54 -1.33 3.15
N ALA A 12 -3.45 -0.82 3.74
CA ALA A 12 -3.24 -0.94 5.18
C ALA A 12 -2.85 0.41 5.78
N ALA A 13 -3.81 1.32 5.87
CA ALA A 13 -3.56 2.64 6.44
C ALA A 13 -4.33 2.84 7.74
N ARG A 14 -5.57 2.38 7.76
CA ARG A 14 -6.41 2.51 8.95
C ARG A 14 -6.66 1.14 9.58
N ASP A 2 7.60 4.32 -4.47
CA ASP A 2 7.50 3.35 -5.56
C ASP A 2 6.13 2.68 -5.55
N PRO A 3 5.76 2.07 -6.70
CA PRO A 3 4.47 1.39 -6.85
C PRO A 3 4.41 0.09 -6.05
N GLN A 4 3.31 -0.63 -6.18
CA GLN A 4 3.13 -1.89 -5.46
C GLN A 4 2.96 -1.64 -3.97
N HIS A 5 4.05 -1.34 -3.29
CA HIS A 5 4.03 -1.08 -1.86
C HIS A 5 3.13 0.11 -1.54
N ARG A 7 0.31 0.77 -2.92
CA ARG A 7 -0.98 0.06 -2.87
C ARG A 7 -1.10 -0.73 -1.58
N LYS A 8 -0.05 -1.48 -1.24
CA LYS A 8 -0.04 -2.30 -0.03
C LYS A 8 -0.31 -1.44 1.20
N LEU A 9 0.37 -0.31 1.30
CA LEU A 9 0.20 0.60 2.43
C LEU A 9 -1.16 1.29 2.38
N GLN A 11 -3.82 -0.03 1.17
CA GLN A 11 -4.63 -1.16 1.60
C GLN A 11 -4.52 -1.36 3.11
N ALA A 12 -3.44 -0.85 3.69
CA ALA A 12 -3.22 -0.97 5.13
C ALA A 12 -3.24 0.40 5.79
N ALA A 13 -4.13 1.27 5.34
CA ALA A 13 -4.24 2.61 5.89
C ALA A 13 -4.49 2.56 7.40
N ARG A 14 -3.89 3.50 8.13
CA ARG A 14 -4.06 3.57 9.58
C ARG A 14 -3.65 2.25 10.23
N ASP A 2 8.36 1.60 -4.98
CA ASP A 2 7.99 0.93 -6.23
C ASP A 2 6.47 0.83 -6.36
N PRO A 3 6.00 0.66 -7.60
CA PRO A 3 4.57 0.54 -7.89
C PRO A 3 3.98 -0.77 -7.38
N GLN A 4 3.75 -0.84 -6.07
CA GLN A 4 3.19 -2.03 -5.45
C GLN A 4 3.03 -1.84 -3.95
N HIS A 5 4.04 -1.26 -3.32
CA HIS A 5 4.01 -1.02 -1.88
C HIS A 5 3.11 0.16 -1.54
N ARG A 7 0.28 0.82 -2.91
CA ARG A 7 -0.99 0.12 -2.86
C ARG A 7 -1.11 -0.69 -1.58
N LYS A 8 -0.07 -1.44 -1.26
CA LYS A 8 -0.05 -2.27 -0.06
C LYS A 8 -0.32 -1.43 1.19
N LEU A 9 0.37 -0.30 1.29
CA LEU A 9 0.21 0.59 2.43
C LEU A 9 -1.16 1.27 2.40
N GLN A 11 -3.81 -0.02 1.18
CA GLN A 11 -4.63 -1.17 1.59
C GLN A 11 -4.52 -1.38 3.10
N ALA A 12 -3.44 -0.87 3.69
CA ALA A 12 -3.23 -1.00 5.13
C ALA A 12 -2.79 0.31 5.74
N ALA A 13 -3.62 1.34 5.58
CA ALA A 13 -3.32 2.67 6.11
C ALA A 13 -2.98 2.59 7.60
N ARG A 14 -3.93 2.09 8.39
CA ARG A 14 -3.72 1.96 9.83
C ARG A 14 -2.55 1.05 10.14
N ASP A 2 7.56 4.40 -4.52
CA ASP A 2 7.50 3.36 -5.54
C ASP A 2 6.12 2.69 -5.54
N PRO A 3 5.75 2.10 -6.69
CA PRO A 3 4.47 1.40 -6.84
C PRO A 3 4.41 0.11 -6.04
N GLN A 4 3.30 -0.61 -6.18
CA GLN A 4 3.12 -1.87 -5.47
C GLN A 4 2.96 -1.63 -3.97
N HIS A 5 4.06 -1.33 -3.29
CA HIS A 5 4.03 -1.07 -1.86
C HIS A 5 3.13 0.11 -1.53
N ARG A 7 0.30 0.77 -2.91
CA ARG A 7 -0.97 0.07 -2.86
C ARG A 7 -1.10 -0.74 -1.56
N LYS A 8 -0.05 -1.48 -1.24
CA LYS A 8 -0.04 -2.30 -0.04
C LYS A 8 -0.31 -1.44 1.20
N LEU A 9 0.38 -0.32 1.30
CA LEU A 9 0.21 0.59 2.43
C LEU A 9 -1.16 1.27 2.38
N GLN A 11 -3.81 -0.04 1.17
CA GLN A 11 -4.62 -1.17 1.60
C GLN A 11 -4.53 -1.36 3.12
N ALA A 12 -3.46 -0.85 3.71
CA ALA A 12 -3.25 -0.95 5.15
C ALA A 12 -3.68 0.32 5.86
N ALA A 13 -4.79 0.90 5.41
CA ALA A 13 -5.31 2.12 6.01
C ALA A 13 -6.83 2.05 6.19
N ARG A 14 -7.30 2.47 7.36
CA ARG A 14 -8.73 2.45 7.64
C ARG A 14 -9.32 3.86 7.57
#